data_1G18
#
_entry.id   1G18
#
_cell.length_a   107.988
_cell.length_b   107.988
_cell.length_c   72.006
_cell.angle_alpha   90.00
_cell.angle_beta   90.00
_cell.angle_gamma   120.00
#
_symmetry.space_group_name_H-M   'P 61'
#
loop_
_entity.id
_entity.type
_entity.pdbx_description
1 polymer 'RECA PROTEIN'
2 non-polymer 'TETRAFLUOROALUMINATE ION'
3 non-polymer "ADENOSINE-5'-DIPHOSPHATE"
#
_entity_poly.entity_id   1
_entity_poly.type   'polypeptide(L)'
_entity_poly.pdbx_seq_one_letter_code
;MTQTPDREKALELAVAQIEKSYGKGSVMRLGDEARQPISVIPTGSIALDVALGIGGLPRGRVIEIYGPESSGKTTVALHA
VANAQAAGGVAAFIDAEHALDPDYAKKLGVDTDSLLVSQPDTGEQALEIADMLIRSGALDIVVIDSVAALVPRAELEGEM
GDSHVGLQARLMSQALRKMTGALNNSGTTAIFINQLRDKIGVMFGSPETTTGGKALKFYASVRMDVRRVETLKDGTNAVG
NRTRVKVVKNKCLAPFKQAEFDILYGKGISREGSLIDMGVDQGLIRKSGAWFTYEGEQLGQGKENARNFLVENADVADEI
EKKIKEKLGIGAVVTDDPSNDGVLPAPVDF
;
_entity_poly.pdbx_strand_id   A
#
loop_
_chem_comp.id
_chem_comp.type
_chem_comp.name
_chem_comp.formula
ADP non-polymer ADENOSINE-5'-DIPHOSPHATE 'C10 H15 N5 O10 P2'
ALF non-polymer 'TETRAFLUOROALUMINATE ION' 'Al F4 -1'
#
# COMPACT_ATOMS: atom_id res chain seq x y z
N GLN A 3 -39.34 21.07 -8.34
CA GLN A 3 -39.07 19.68 -7.84
C GLN A 3 -37.68 19.54 -7.22
N THR A 4 -37.63 19.13 -5.95
CA THR A 4 -36.36 19.01 -5.21
C THR A 4 -35.89 17.69 -4.52
N PRO A 5 -36.63 17.18 -3.51
CA PRO A 5 -36.23 15.93 -2.80
C PRO A 5 -36.35 14.59 -3.54
N ASP A 6 -37.47 14.41 -4.27
CA ASP A 6 -37.71 13.18 -5.03
C ASP A 6 -36.53 12.89 -5.96
N ARG A 7 -35.74 13.92 -6.21
CA ARG A 7 -34.56 13.79 -7.07
C ARG A 7 -33.52 13.00 -6.28
N GLU A 8 -33.37 13.36 -5.01
CA GLU A 8 -32.39 12.68 -4.18
C GLU A 8 -32.80 11.25 -3.93
N LYS A 9 -34.08 10.95 -4.13
CA LYS A 9 -34.57 9.58 -3.92
C LYS A 9 -34.44 8.79 -5.21
N ALA A 10 -34.52 9.51 -6.33
CA ALA A 10 -34.40 8.89 -7.65
C ALA A 10 -32.91 8.59 -7.88
N LEU A 11 -32.08 9.45 -7.30
CA LEU A 11 -30.63 9.33 -7.40
C LEU A 11 -30.11 8.18 -6.53
N GLU A 12 -30.73 7.99 -5.35
CA GLU A 12 -30.37 6.93 -4.39
C GLU A 12 -30.60 5.57 -5.05
N LEU A 13 -31.64 5.51 -5.89
CA LEU A 13 -31.99 4.31 -6.61
C LEU A 13 -30.99 4.13 -7.75
N ALA A 14 -30.65 5.25 -8.40
CA ALA A 14 -29.69 5.27 -9.49
C ALA A 14 -28.42 4.56 -9.06
N VAL A 15 -27.83 5.05 -7.97
CA VAL A 15 -26.62 4.47 -7.39
C VAL A 15 -26.78 3.00 -7.02
N ALA A 16 -27.94 2.66 -6.46
CA ALA A 16 -28.22 1.28 -6.08
C ALA A 16 -28.17 0.43 -7.33
N GLN A 17 -28.82 0.89 -8.38
CA GLN A 17 -28.87 0.20 -9.65
C GLN A 17 -27.47 -0.14 -10.16
N ILE A 18 -26.63 0.90 -10.23
CA ILE A 18 -25.25 0.83 -10.72
C ILE A 18 -24.40 -0.10 -9.88
N GLU A 19 -24.25 0.25 -8.60
CA GLU A 19 -23.48 -0.50 -7.62
C GLU A 19 -23.79 -1.99 -7.79
N LYS A 20 -25.05 -2.26 -8.11
CA LYS A 20 -25.55 -3.61 -8.33
C LYS A 20 -24.83 -4.29 -9.50
N SER A 21 -24.77 -3.62 -10.65
CA SER A 21 -24.14 -4.21 -11.82
C SER A 21 -22.67 -3.94 -12.08
N TYR A 22 -22.10 -2.95 -11.40
CA TYR A 22 -20.69 -2.67 -11.63
C TYR A 22 -19.81 -2.79 -10.39
N GLY A 23 -20.43 -3.11 -9.26
CA GLY A 23 -19.70 -3.27 -8.01
C GLY A 23 -19.90 -2.20 -6.95
N LYS A 24 -19.53 -2.54 -5.72
CA LYS A 24 -19.65 -1.65 -4.57
C LYS A 24 -19.11 -0.24 -4.79
N GLY A 25 -17.93 -0.16 -5.39
CA GLY A 25 -17.31 1.13 -5.63
C GLY A 25 -17.49 1.73 -7.00
N SER A 26 -18.62 1.46 -7.64
CA SER A 26 -18.82 2.02 -8.95
C SER A 26 -19.12 3.52 -8.90
N VAL A 27 -19.77 3.97 -7.85
CA VAL A 27 -20.10 5.39 -7.70
C VAL A 27 -19.91 5.80 -6.27
N MET A 28 -19.21 6.89 -6.05
CA MET A 28 -19.02 7.32 -4.70
C MET A 28 -19.06 8.83 -4.60
N ARG A 29 -19.20 9.28 -3.37
CA ARG A 29 -19.19 10.68 -3.01
C ARG A 29 -17.87 10.79 -2.28
N LEU A 30 -17.08 11.83 -2.57
CA LEU A 30 -15.78 11.98 -1.93
C LEU A 30 -15.90 12.07 -0.42
N GLY A 31 -17.10 12.36 0.06
CA GLY A 31 -17.35 12.49 1.49
C GLY A 31 -17.78 11.24 2.23
N ASP A 32 -18.25 10.22 1.50
CA ASP A 32 -18.71 8.96 2.10
C ASP A 32 -17.68 8.27 3.00
N GLU A 33 -18.10 8.04 4.24
CA GLU A 33 -17.28 7.38 5.24
C GLU A 33 -17.41 5.86 5.04
N ALA A 34 -18.31 5.52 4.14
CA ALA A 34 -18.66 4.14 3.77
C ALA A 34 -17.64 2.99 3.93
N ARG A 35 -18.21 1.78 4.04
CA ARG A 35 -17.51 0.48 4.17
C ARG A 35 -16.39 0.35 5.21
N GLN A 36 -16.03 -0.90 5.51
CA GLN A 36 -14.96 -1.26 6.46
C GLN A 36 -14.96 -2.75 6.80
N PRO A 37 -14.17 -3.55 6.06
CA PRO A 37 -14.10 -4.99 6.28
C PRO A 37 -13.24 -5.47 7.46
N ILE A 38 -13.12 -6.80 7.56
CA ILE A 38 -12.32 -7.46 8.59
C ILE A 38 -10.99 -7.82 7.97
N SER A 39 -10.97 -7.83 6.66
CA SER A 39 -9.77 -8.15 5.90
C SER A 39 -9.01 -6.90 5.46
N VAL A 40 -7.88 -6.63 6.11
CA VAL A 40 -7.05 -5.47 5.77
C VAL A 40 -5.61 -5.59 6.27
N ILE A 41 -4.68 -5.51 5.35
CA ILE A 41 -3.27 -5.59 5.68
C ILE A 41 -2.79 -4.20 5.99
N PRO A 42 -2.41 -3.95 7.24
CA PRO A 42 -1.92 -2.62 7.55
C PRO A 42 -0.69 -2.35 6.69
N THR A 43 -0.45 -1.07 6.40
CA THR A 43 0.67 -0.63 5.57
C THR A 43 1.94 -0.35 6.37
N GLY A 44 1.78 0.00 7.62
CA GLY A 44 2.95 0.28 8.43
C GLY A 44 2.83 1.68 8.94
N SER A 45 2.06 2.51 8.23
CA SER A 45 1.82 3.89 8.66
C SER A 45 0.33 4.16 8.75
N ILE A 46 -0.08 4.52 9.95
CA ILE A 46 -1.46 4.81 10.25
C ILE A 46 -2.03 5.83 9.26
N ALA A 47 -1.17 6.74 8.80
CA ALA A 47 -1.60 7.76 7.85
C ALA A 47 -2.07 7.15 6.54
N LEU A 48 -1.22 6.36 5.90
CA LEU A 48 -1.56 5.70 4.65
C LEU A 48 -2.73 4.79 4.91
N ASP A 49 -2.73 4.18 6.09
CA ASP A 49 -3.79 3.29 6.48
C ASP A 49 -5.13 3.97 6.34
N VAL A 50 -5.29 5.11 7.01
CA VAL A 50 -6.54 5.86 6.92
C VAL A 50 -6.70 6.59 5.61
N ALA A 51 -5.59 6.84 4.90
CA ALA A 51 -5.63 7.52 3.61
C ALA A 51 -6.18 6.54 2.61
N LEU A 52 -6.23 5.28 3.01
CA LEU A 52 -6.80 4.25 2.20
C LEU A 52 -8.28 4.17 2.59
N GLY A 53 -8.63 4.81 3.70
CA GLY A 53 -10.01 4.80 4.17
C GLY A 53 -10.32 3.49 4.87
N ILE A 54 -10.08 2.39 4.17
CA ILE A 54 -10.31 1.05 4.65
C ILE A 54 -9.29 0.59 5.73
N GLY A 55 -8.41 1.50 6.16
CA GLY A 55 -7.43 1.19 7.20
C GLY A 55 -6.30 0.20 6.91
N GLY A 56 -6.04 -0.04 5.64
CA GLY A 56 -4.98 -0.96 5.25
C GLY A 56 -5.23 -1.28 3.79
N LEU A 57 -4.57 -2.28 3.25
CA LEU A 57 -4.79 -2.61 1.85
C LEU A 57 -6.00 -3.51 1.77
N PRO A 58 -6.68 -3.54 0.62
CA PRO A 58 -7.85 -4.39 0.49
C PRO A 58 -7.43 -5.78 0.01
N ARG A 59 -7.97 -6.82 0.64
CA ARG A 59 -7.65 -8.17 0.24
C ARG A 59 -8.39 -8.59 -1.03
N GLY A 60 -7.94 -9.70 -1.62
CA GLY A 60 -8.53 -10.22 -2.84
C GLY A 60 -8.55 -9.21 -3.97
N ARG A 61 -7.60 -8.27 -3.94
CA ARG A 61 -7.51 -7.26 -4.98
C ARG A 61 -6.06 -6.95 -5.39
N VAL A 62 -5.89 -6.37 -6.56
CA VAL A 62 -4.57 -6.05 -7.05
C VAL A 62 -4.24 -4.59 -6.87
N ILE A 63 -3.13 -4.30 -6.19
CA ILE A 63 -2.76 -2.91 -5.99
C ILE A 63 -1.57 -2.62 -6.85
N GLU A 64 -1.45 -1.35 -7.25
CA GLU A 64 -0.33 -0.87 -8.04
C GLU A 64 0.20 0.36 -7.35
N ILE A 65 1.47 0.30 -6.99
CA ILE A 65 2.11 1.43 -6.35
C ILE A 65 3.13 1.93 -7.35
N TYR A 66 2.94 3.12 -7.89
CA TYR A 66 3.89 3.64 -8.89
C TYR A 66 4.56 4.94 -8.47
N GLY A 67 5.81 5.12 -8.92
CA GLY A 67 6.55 6.33 -8.60
C GLY A 67 7.96 6.37 -9.17
N PRO A 68 8.72 7.42 -8.86
CA PRO A 68 10.09 7.60 -9.33
C PRO A 68 11.03 6.64 -8.64
N GLU A 69 12.18 6.39 -9.26
CA GLU A 69 13.19 5.57 -8.60
C GLU A 69 13.47 6.30 -7.26
N SER A 70 13.92 5.55 -6.27
CA SER A 70 14.13 5.99 -4.91
C SER A 70 13.10 6.96 -4.33
N SER A 71 11.97 6.40 -3.91
CA SER A 71 10.89 7.18 -3.31
C SER A 71 10.16 6.54 -2.11
N GLY A 72 9.75 5.27 -2.19
CA GLY A 72 9.06 4.64 -1.04
C GLY A 72 8.44 3.26 -1.31
N LYS A 73 7.97 3.14 -2.54
CA LYS A 73 7.30 1.96 -3.08
C LYS A 73 7.62 0.60 -2.43
N THR A 74 8.60 -0.11 -2.92
CA THR A 74 9.10 -1.37 -2.43
C THR A 74 9.07 -1.38 -0.92
N THR A 75 9.48 -0.28 -0.31
CA THR A 75 9.45 -0.21 1.14
C THR A 75 8.02 -0.46 1.56
N VAL A 76 7.12 0.35 1.04
CA VAL A 76 5.71 0.22 1.33
C VAL A 76 5.32 -1.23 1.12
N ALA A 77 5.79 -1.78 0.01
CA ALA A 77 5.49 -3.15 -0.39
C ALA A 77 5.98 -4.14 0.61
N LEU A 78 7.27 -4.06 0.90
CA LEU A 78 7.86 -4.97 1.86
C LEU A 78 7.21 -4.81 3.19
N HIS A 79 6.65 -3.62 3.41
CA HIS A 79 5.97 -3.38 4.65
C HIS A 79 4.68 -4.16 4.58
N ALA A 80 3.99 -4.07 3.45
CA ALA A 80 2.76 -4.81 3.28
C ALA A 80 3.08 -6.30 3.34
N VAL A 81 4.31 -6.65 3.00
CA VAL A 81 4.73 -8.04 3.04
C VAL A 81 4.94 -8.46 4.48
N ALA A 82 5.59 -7.60 5.25
CA ALA A 82 5.88 -7.87 6.66
C ALA A 82 4.67 -8.00 7.58
N ASN A 83 3.56 -7.35 7.21
CA ASN A 83 2.32 -7.39 7.99
C ASN A 83 1.46 -8.61 7.64
N ALA A 84 1.36 -8.88 6.34
CA ALA A 84 0.59 -10.01 5.86
C ALA A 84 1.32 -11.26 6.29
N GLN A 85 2.47 -11.05 6.93
CA GLN A 85 3.32 -12.12 7.40
C GLN A 85 3.12 -12.30 8.92
N ALA A 86 3.16 -11.19 9.65
CA ALA A 86 3.00 -11.18 11.11
C ALA A 86 1.71 -11.83 11.59
N ALA A 87 0.79 -12.08 10.67
CA ALA A 87 -0.45 -12.73 11.03
C ALA A 87 -0.48 -14.09 10.33
N GLY A 88 0.63 -14.79 10.45
CA GLY A 88 0.76 -16.14 9.90
C GLY A 88 0.46 -16.41 8.45
N GLY A 89 0.26 -15.37 7.65
CA GLY A 89 0.01 -15.60 6.25
C GLY A 89 1.35 -15.84 5.57
N VAL A 90 1.34 -16.19 4.29
CA VAL A 90 2.59 -16.44 3.57
C VAL A 90 2.70 -15.56 2.30
N ALA A 91 3.91 -15.14 1.94
CA ALA A 91 4.11 -14.27 0.76
C ALA A 91 5.13 -14.73 -0.28
N ALA A 92 4.95 -14.26 -1.52
CA ALA A 92 5.83 -14.58 -2.61
C ALA A 92 6.27 -13.29 -3.26
N PHE A 93 7.54 -13.22 -3.61
CA PHE A 93 8.10 -12.02 -4.23
C PHE A 93 8.60 -12.40 -5.61
N ILE A 94 7.89 -11.96 -6.63
CA ILE A 94 8.27 -12.27 -8.01
C ILE A 94 9.23 -11.21 -8.48
N ASP A 95 10.51 -11.54 -8.37
CA ASP A 95 11.60 -10.65 -8.71
C ASP A 95 12.00 -10.56 -10.19
N ALA A 96 12.07 -9.34 -10.70
CA ALA A 96 12.43 -9.12 -12.11
C ALA A 96 13.52 -8.07 -12.34
N GLU A 97 14.06 -7.54 -11.25
CA GLU A 97 15.11 -6.52 -11.35
C GLU A 97 16.35 -7.04 -10.70
N HIS A 98 16.16 -8.01 -9.83
CA HIS A 98 17.25 -8.63 -9.10
C HIS A 98 17.90 -7.55 -8.22
N ALA A 99 17.13 -7.02 -7.26
CA ALA A 99 17.64 -5.98 -6.37
C ALA A 99 16.98 -5.81 -5.01
N LEU A 100 16.55 -6.91 -4.42
CA LEU A 100 15.95 -6.88 -3.10
C LEU A 100 17.11 -7.02 -2.11
N ASP A 101 17.06 -6.30 -0.99
CA ASP A 101 18.11 -6.41 0.02
C ASP A 101 17.49 -6.96 1.29
N PRO A 102 17.64 -8.26 1.51
CA PRO A 102 17.13 -9.03 2.65
C PRO A 102 17.39 -8.42 4.00
N ASP A 103 18.55 -7.80 4.18
CA ASP A 103 18.88 -7.18 5.45
C ASP A 103 17.82 -6.16 5.79
N TYR A 104 17.56 -5.29 4.83
CA TYR A 104 16.57 -4.23 4.98
C TYR A 104 15.18 -4.79 5.17
N ALA A 105 14.87 -5.83 4.42
CA ALA A 105 13.57 -6.47 4.55
C ALA A 105 13.41 -6.99 5.96
N LYS A 106 14.42 -7.73 6.42
CA LYS A 106 14.45 -8.31 7.76
C LYS A 106 14.26 -7.23 8.80
N LYS A 107 14.89 -6.09 8.56
CA LYS A 107 14.79 -4.96 9.48
C LYS A 107 13.37 -4.43 9.51
N LEU A 108 12.70 -4.47 8.36
CA LEU A 108 11.33 -3.99 8.31
C LEU A 108 10.43 -5.01 9.00
N GLY A 109 10.86 -6.26 8.95
CA GLY A 109 10.12 -7.34 9.58
C GLY A 109 9.75 -8.53 8.70
N VAL A 110 10.26 -8.59 7.47
CA VAL A 110 9.95 -9.73 6.61
C VAL A 110 10.71 -10.93 7.12
N ASP A 111 9.99 -12.02 7.35
CA ASP A 111 10.61 -13.24 7.79
C ASP A 111 11.19 -13.75 6.49
N THR A 112 12.20 -13.04 5.99
CA THR A 112 12.88 -13.34 4.74
C THR A 112 13.05 -14.83 4.45
N ASP A 113 13.25 -15.63 5.50
CA ASP A 113 13.42 -17.07 5.38
C ASP A 113 12.22 -17.74 4.72
N SER A 114 11.02 -17.39 5.15
CA SER A 114 9.80 -17.98 4.60
C SER A 114 9.36 -17.35 3.28
N LEU A 115 10.01 -16.24 2.91
CA LEU A 115 9.64 -15.51 1.70
C LEU A 115 9.84 -16.24 0.38
N LEU A 116 8.72 -16.62 -0.22
CA LEU A 116 8.74 -17.29 -1.50
C LEU A 116 9.22 -16.29 -2.55
N VAL A 117 10.46 -16.45 -2.97
CA VAL A 117 11.01 -15.58 -3.98
C VAL A 117 11.17 -16.37 -5.26
N SER A 118 11.03 -15.68 -6.38
CA SER A 118 11.18 -16.33 -7.67
C SER A 118 11.79 -15.30 -8.59
N GLN A 119 12.49 -15.73 -9.63
CA GLN A 119 13.14 -14.80 -10.55
C GLN A 119 13.05 -15.27 -12.01
N PRO A 120 11.85 -15.20 -12.61
CA PRO A 120 11.58 -15.61 -13.99
C PRO A 120 12.53 -15.09 -15.03
N ASP A 121 12.57 -15.77 -16.17
CA ASP A 121 13.44 -15.32 -17.24
C ASP A 121 12.73 -14.78 -18.46
N THR A 122 11.40 -14.59 -18.35
CA THR A 122 10.60 -13.99 -19.41
C THR A 122 9.45 -13.38 -18.65
N GLY A 123 8.92 -12.28 -19.15
CA GLY A 123 7.82 -11.65 -18.44
C GLY A 123 6.61 -12.55 -18.29
N GLU A 124 6.25 -13.22 -19.38
CA GLU A 124 5.11 -14.11 -19.38
C GLU A 124 5.19 -15.16 -18.28
N GLN A 125 6.31 -15.86 -18.25
CA GLN A 125 6.52 -16.87 -17.25
C GLN A 125 6.34 -16.23 -15.89
N ALA A 126 6.77 -14.99 -15.76
CA ALA A 126 6.67 -14.28 -14.49
C ALA A 126 5.23 -14.18 -13.97
N LEU A 127 4.30 -13.76 -14.81
CA LEU A 127 2.93 -13.63 -14.36
C LEU A 127 2.26 -14.95 -14.07
N GLU A 128 2.65 -15.99 -14.80
CA GLU A 128 2.06 -17.30 -14.62
C GLU A 128 2.42 -17.90 -13.28
N ILE A 129 3.68 -17.82 -12.92
CA ILE A 129 4.15 -18.34 -11.64
C ILE A 129 3.31 -17.67 -10.56
N ALA A 130 2.98 -16.41 -10.82
CA ALA A 130 2.17 -15.65 -9.90
C ALA A 130 0.73 -16.16 -9.93
N ASP A 131 0.26 -16.60 -11.08
CA ASP A 131 -1.10 -17.12 -11.20
C ASP A 131 -1.30 -18.42 -10.44
N MET A 132 -0.52 -19.44 -10.76
CA MET A 132 -0.70 -20.69 -10.06
C MET A 132 -0.33 -20.61 -8.60
N LEU A 133 0.63 -19.77 -8.27
CA LEU A 133 1.03 -19.59 -6.89
C LEU A 133 -0.17 -19.02 -6.17
N ILE A 134 -0.86 -18.12 -6.86
CA ILE A 134 -2.03 -17.48 -6.33
C ILE A 134 -3.16 -18.47 -6.22
N ARG A 135 -3.50 -19.10 -7.33
CA ARG A 135 -4.60 -20.06 -7.38
C ARG A 135 -4.64 -21.13 -6.27
N SER A 136 -3.51 -21.37 -5.62
CA SER A 136 -3.45 -22.38 -4.55
C SER A 136 -4.17 -21.96 -3.28
N GLY A 137 -4.41 -20.66 -3.14
CA GLY A 137 -5.08 -20.16 -1.96
C GLY A 137 -4.25 -20.33 -0.70
N ALA A 138 -2.94 -20.43 -0.89
CA ALA A 138 -2.02 -20.57 0.22
C ALA A 138 -1.50 -19.19 0.63
N LEU A 139 -1.05 -18.44 -0.38
CA LEU A 139 -0.51 -17.08 -0.23
C LEU A 139 -1.53 -16.02 0.15
N ASP A 140 -1.12 -15.08 1.01
CA ASP A 140 -1.98 -13.99 1.42
C ASP A 140 -1.66 -12.77 0.57
N ILE A 141 -0.37 -12.52 0.43
CA ILE A 141 0.11 -11.40 -0.35
C ILE A 141 1.18 -11.85 -1.31
N VAL A 142 1.05 -11.40 -2.55
CA VAL A 142 2.02 -11.70 -3.55
C VAL A 142 2.38 -10.37 -4.21
N VAL A 143 3.68 -10.17 -4.44
CA VAL A 143 4.18 -8.95 -5.04
C VAL A 143 5.12 -9.21 -6.21
N ILE A 144 4.80 -8.54 -7.32
CA ILE A 144 5.54 -8.62 -8.55
C ILE A 144 6.40 -7.37 -8.61
N ASP A 145 7.73 -7.51 -8.44
CA ASP A 145 8.58 -6.33 -8.49
C ASP A 145 8.80 -5.88 -9.92
N SER A 146 8.24 -4.70 -10.20
CA SER A 146 8.32 -3.97 -11.46
C SER A 146 7.62 -4.47 -12.70
N VAL A 147 6.68 -3.67 -13.15
CA VAL A 147 5.90 -3.97 -14.35
C VAL A 147 6.80 -3.80 -15.59
N ALA A 148 7.68 -2.79 -15.57
CA ALA A 148 8.55 -2.50 -16.69
C ALA A 148 9.63 -3.54 -17.01
N ALA A 149 9.95 -4.41 -16.06
CA ALA A 149 11.01 -5.39 -16.30
C ALA A 149 10.50 -6.71 -16.84
N LEU A 150 9.19 -6.80 -16.96
CA LEU A 150 8.56 -8.04 -17.43
C LEU A 150 8.59 -8.24 -18.93
N VAL A 151 9.75 -8.01 -19.56
CA VAL A 151 9.89 -8.16 -21.00
C VAL A 151 9.47 -9.54 -21.55
N PRO A 152 8.65 -9.53 -22.60
CA PRO A 152 8.09 -10.70 -23.29
C PRO A 152 9.12 -11.68 -23.88
N ARG A 153 8.75 -12.97 -23.92
CA ARG A 153 9.60 -14.05 -24.46
C ARG A 153 10.09 -13.68 -25.84
N ALA A 154 9.18 -13.12 -26.62
CA ALA A 154 9.48 -12.69 -27.98
C ALA A 154 10.60 -11.66 -28.00
N GLU A 155 10.37 -10.52 -27.36
CA GLU A 155 11.35 -9.46 -27.31
C GLU A 155 12.62 -10.02 -26.67
N LEU A 156 12.45 -11.12 -25.96
CA LEU A 156 13.57 -11.76 -25.30
C LEU A 156 14.31 -12.74 -26.21
N GLU A 157 13.57 -13.41 -27.10
CA GLU A 157 14.17 -14.35 -28.03
C GLU A 157 14.83 -13.58 -29.16
N GLY A 158 14.46 -12.32 -29.32
CA GLY A 158 15.06 -11.50 -30.35
C GLY A 158 14.10 -10.98 -31.40
N GLU A 159 13.07 -11.76 -31.71
CA GLU A 159 12.09 -11.39 -32.73
C GLU A 159 11.27 -10.12 -32.51
N MET A 160 11.92 -8.99 -32.65
CA MET A 160 11.24 -7.72 -32.53
C MET A 160 11.05 -7.26 -33.99
N HIS A 164 7.61 -5.57 -34.58
CA HIS A 164 6.51 -4.96 -33.79
C HIS A 164 6.96 -4.59 -32.37
N VAL A 165 5.97 -4.53 -31.47
CA VAL A 165 6.11 -4.25 -30.05
C VAL A 165 4.67 -4.15 -29.52
N GLY A 166 4.48 -3.62 -28.31
CA GLY A 166 3.13 -3.58 -27.77
C GLY A 166 2.93 -5.02 -27.34
N LEU A 167 4.05 -5.62 -26.95
CA LEU A 167 4.12 -6.99 -26.50
C LEU A 167 3.63 -6.94 -25.06
N GLN A 168 4.25 -6.06 -24.28
CA GLN A 168 3.89 -5.88 -22.89
C GLN A 168 2.38 -5.76 -22.80
N ALA A 169 1.85 -4.61 -23.21
CA ALA A 169 0.42 -4.37 -23.19
C ALA A 169 -0.17 -5.38 -24.16
N ARG A 170 -0.57 -6.51 -23.60
CA ARG A 170 -1.15 -7.63 -24.32
C ARG A 170 -0.96 -8.68 -23.27
N LEU A 171 0.29 -9.10 -23.12
CA LEU A 171 0.67 -10.08 -22.12
C LEU A 171 0.07 -9.69 -20.77
N MET A 172 0.23 -8.42 -20.39
CA MET A 172 -0.31 -7.94 -19.12
C MET A 172 -1.82 -8.09 -19.05
N SER A 173 -2.51 -7.45 -19.99
CA SER A 173 -3.97 -7.47 -20.03
C SER A 173 -4.45 -8.90 -19.96
N GLN A 174 -3.88 -9.74 -20.79
CA GLN A 174 -4.21 -11.15 -20.82
C GLN A 174 -4.14 -11.73 -19.42
N ALA A 175 -2.94 -11.64 -18.85
CA ALA A 175 -2.67 -12.16 -17.52
C ALA A 175 -3.60 -11.52 -16.53
N LEU A 176 -3.67 -10.19 -16.55
CA LEU A 176 -4.54 -9.47 -15.63
C LEU A 176 -5.99 -9.95 -15.66
N ARG A 177 -6.54 -10.17 -16.86
CA ARG A 177 -7.92 -10.62 -17.03
C ARG A 177 -8.13 -11.94 -16.33
N LYS A 178 -7.26 -12.87 -16.67
CA LYS A 178 -7.29 -14.18 -16.08
C LYS A 178 -6.91 -14.02 -14.61
N MET A 179 -5.75 -13.41 -14.35
CA MET A 179 -5.27 -13.23 -12.98
C MET A 179 -6.16 -12.44 -12.04
N THR A 180 -6.99 -11.55 -12.59
CA THR A 180 -7.87 -10.75 -11.74
C THR A 180 -8.92 -11.65 -11.08
N GLY A 181 -9.33 -12.67 -11.82
CA GLY A 181 -10.33 -13.62 -11.31
C GLY A 181 -9.94 -14.41 -10.08
N ALA A 182 -8.85 -15.17 -10.17
CA ALA A 182 -8.39 -16.00 -9.06
C ALA A 182 -8.29 -15.25 -7.75
N LEU A 183 -7.64 -14.10 -7.84
CA LEU A 183 -7.44 -13.21 -6.70
C LEU A 183 -8.69 -12.99 -5.87
N ASN A 184 -9.72 -12.40 -6.49
CA ASN A 184 -10.98 -12.14 -5.80
C ASN A 184 -11.62 -13.45 -5.33
N ASN A 185 -11.18 -14.56 -5.88
CA ASN A 185 -11.71 -15.84 -5.48
C ASN A 185 -10.86 -16.59 -4.46
N SER A 186 -9.73 -16.00 -4.05
CA SER A 186 -8.86 -16.65 -3.06
C SER A 186 -8.55 -15.80 -1.85
N GLY A 187 -8.53 -14.49 -2.03
CA GLY A 187 -8.24 -13.61 -0.91
C GLY A 187 -6.80 -13.16 -0.82
N THR A 188 -6.09 -13.26 -1.93
CA THR A 188 -4.70 -12.82 -1.98
C THR A 188 -4.73 -11.49 -2.66
N THR A 189 -3.88 -10.59 -2.19
CA THR A 189 -3.81 -9.28 -2.78
C THR A 189 -2.46 -9.15 -3.49
N ALA A 190 -2.52 -8.90 -4.79
CA ALA A 190 -1.31 -8.78 -5.58
C ALA A 190 -0.85 -7.35 -5.59
N ILE A 191 0.44 -7.16 -5.38
CA ILE A 191 0.95 -5.82 -5.43
C ILE A 191 1.94 -5.73 -6.54
N PHE A 192 1.71 -4.76 -7.42
CA PHE A 192 2.56 -4.51 -8.58
C PHE A 192 3.33 -3.23 -8.40
N ILE A 193 4.63 -3.29 -8.61
CA ILE A 193 5.46 -2.11 -8.53
C ILE A 193 5.49 -1.62 -9.95
N ASN A 194 5.02 -0.40 -10.18
CA ASN A 194 5.02 0.16 -11.53
C ASN A 194 6.11 1.19 -11.60
N GLN A 195 6.69 1.44 -12.78
CA GLN A 195 7.74 2.40 -12.67
C GLN A 195 7.86 3.83 -13.11
N LEU A 196 7.12 4.70 -12.43
CA LEU A 196 7.42 6.06 -12.75
C LEU A 196 6.68 7.35 -12.70
N THR A 211 4.87 1.21 -17.51
CA THR A 211 4.73 1.08 -19.00
C THR A 211 3.60 0.10 -19.39
N GLY A 212 3.18 -0.74 -18.44
CA GLY A 212 2.08 -1.66 -18.68
C GLY A 212 0.85 -0.79 -18.82
N GLY A 213 0.96 0.37 -18.15
CA GLY A 213 -0.04 1.40 -18.15
C GLY A 213 -1.47 0.95 -18.11
N LYS A 214 -2.19 1.34 -19.15
CA LYS A 214 -3.61 1.04 -19.34
C LYS A 214 -4.15 -0.18 -18.60
N ALA A 215 -3.67 -1.36 -18.99
CA ALA A 215 -4.12 -2.59 -18.38
C ALA A 215 -4.16 -2.55 -16.85
N LEU A 216 -3.00 -2.44 -16.22
CA LEU A 216 -2.94 -2.41 -14.78
C LEU A 216 -3.82 -1.31 -14.25
N LYS A 217 -3.68 -0.16 -14.87
CA LYS A 217 -4.44 1.03 -14.51
C LYS A 217 -5.89 0.71 -14.23
N PHE A 218 -6.50 -0.08 -15.09
CA PHE A 218 -7.90 -0.40 -14.92
C PHE A 218 -8.27 -1.60 -14.05
N TYR A 219 -7.56 -2.71 -14.18
CA TYR A 219 -7.86 -3.87 -13.36
C TYR A 219 -7.60 -3.53 -11.91
N ALA A 220 -6.48 -2.84 -11.71
CA ALA A 220 -6.06 -2.45 -10.38
C ALA A 220 -7.19 -1.77 -9.65
N SER A 221 -7.41 -2.20 -8.42
CA SER A 221 -8.46 -1.63 -7.60
C SER A 221 -7.97 -0.50 -6.74
N VAL A 222 -6.66 -0.40 -6.55
CA VAL A 222 -6.08 0.68 -5.79
C VAL A 222 -4.78 1.06 -6.42
N ARG A 223 -4.67 2.31 -6.81
CA ARG A 223 -3.45 2.78 -7.41
C ARG A 223 -2.79 3.74 -6.44
N MET A 224 -1.50 3.57 -6.17
CA MET A 224 -0.81 4.47 -5.26
C MET A 224 0.29 5.30 -5.90
N ASP A 225 0.26 6.62 -5.71
CA ASP A 225 1.31 7.48 -6.26
C ASP A 225 2.25 7.85 -5.11
N VAL A 226 3.44 7.28 -5.15
CA VAL A 226 4.45 7.51 -4.13
C VAL A 226 5.58 8.34 -4.72
N ARG A 227 6.02 9.35 -3.98
CA ARG A 227 7.08 10.23 -4.43
C ARG A 227 7.71 10.75 -3.17
N ARG A 228 9.02 10.93 -3.19
CA ARG A 228 9.74 11.44 -2.04
C ARG A 228 9.61 12.95 -2.06
N VAL A 229 9.18 13.52 -0.93
CA VAL A 229 8.98 14.95 -0.82
C VAL A 229 10.26 15.71 -0.44
N GLU A 230 10.74 15.50 0.79
CA GLU A 230 11.94 16.19 1.26
C GLU A 230 12.92 15.20 1.90
N THR A 231 14.22 15.48 1.74
CA THR A 231 15.32 14.65 2.28
C THR A 231 15.48 14.91 3.79
N LEU A 232 14.77 14.11 4.60
CA LEU A 232 14.74 14.22 6.07
C LEU A 232 16.03 14.62 6.77
N LYS A 233 16.08 15.90 7.13
CA LYS A 233 17.21 16.50 7.81
C LYS A 233 17.17 16.09 9.28
N ASP A 234 18.33 15.73 9.82
CA ASP A 234 18.46 15.31 11.21
C ASP A 234 19.86 15.57 11.76
N GLY A 235 20.12 16.83 12.11
CA GLY A 235 21.41 17.20 12.65
C GLY A 235 22.57 16.85 11.72
N THR A 236 22.93 15.55 11.67
CA THR A 236 24.04 14.99 10.86
C THR A 236 23.80 15.11 9.34
N ASN A 237 23.63 13.99 8.63
CA ASN A 237 23.37 14.09 7.20
C ASN A 237 21.90 13.80 6.81
N ALA A 238 21.49 12.53 6.82
CA ALA A 238 20.11 12.18 6.45
C ALA A 238 19.64 10.86 7.06
N VAL A 239 18.56 10.92 7.83
CA VAL A 239 18.02 9.72 8.47
C VAL A 239 16.97 9.02 7.62
N GLY A 240 16.25 9.78 6.80
CA GLY A 240 15.23 9.20 5.95
C GLY A 240 14.66 10.13 4.89
N ASN A 241 13.45 9.83 4.42
CA ASN A 241 12.77 10.64 3.41
C ASN A 241 11.30 10.80 3.84
N ARG A 242 10.74 12.00 3.64
CA ARG A 242 9.33 12.23 3.99
C ARG A 242 8.51 11.97 2.73
N THR A 243 8.02 10.75 2.61
CA THR A 243 7.24 10.36 1.45
C THR A 243 5.82 10.88 1.51
N ARG A 244 5.19 10.95 0.34
CA ARG A 244 3.82 11.40 0.20
C ARG A 244 3.15 10.47 -0.81
N VAL A 245 2.27 9.60 -0.32
CA VAL A 245 1.57 8.67 -1.20
C VAL A 245 0.23 9.30 -1.55
N LYS A 246 -0.20 9.17 -2.80
CA LYS A 246 -1.47 9.75 -3.21
C LYS A 246 -2.28 8.64 -3.86
N VAL A 247 -3.21 8.07 -3.10
CA VAL A 247 -4.03 6.99 -3.63
C VAL A 247 -4.95 7.58 -4.69
N VAL A 248 -4.53 7.43 -5.94
CA VAL A 248 -5.25 7.98 -7.09
C VAL A 248 -6.50 7.23 -7.51
N LYS A 249 -6.64 5.99 -7.06
CA LYS A 249 -7.79 5.14 -7.39
C LYS A 249 -8.18 4.29 -6.19
N ASN A 250 -9.47 4.23 -5.90
CA ASN A 250 -9.89 3.44 -4.75
C ASN A 250 -11.31 2.90 -4.84
N LYS A 251 -11.45 1.76 -5.52
CA LYS A 251 -12.75 1.12 -5.66
C LYS A 251 -13.25 0.59 -4.32
N CYS A 252 -12.55 0.91 -3.24
CA CYS A 252 -12.93 0.44 -1.93
C CYS A 252 -13.29 1.58 -0.99
N LEU A 253 -12.80 2.77 -1.30
CA LEU A 253 -13.11 3.92 -0.45
C LEU A 253 -12.83 5.22 -1.19
N ALA A 254 -13.61 6.25 -0.88
CA ALA A 254 -13.45 7.55 -1.50
C ALA A 254 -11.97 7.79 -1.86
N PRO A 255 -11.68 7.89 -3.16
CA PRO A 255 -10.32 8.11 -3.63
C PRO A 255 -9.87 9.56 -3.42
N PHE A 256 -8.71 9.88 -3.99
CA PHE A 256 -8.10 11.21 -3.95
C PHE A 256 -7.58 11.67 -2.58
N LYS A 257 -7.59 10.77 -1.59
CA LYS A 257 -7.10 11.06 -0.23
C LYS A 257 -5.60 10.81 -0.24
N GLN A 258 -4.87 11.36 0.73
CA GLN A 258 -3.44 11.13 0.69
C GLN A 258 -2.75 11.18 2.02
N ALA A 259 -1.51 10.72 2.01
CA ALA A 259 -0.70 10.65 3.21
C ALA A 259 0.79 10.88 3.02
N GLU A 260 1.41 11.43 4.05
CA GLU A 260 2.83 11.70 4.09
C GLU A 260 3.40 10.98 5.33
N PHE A 261 4.66 10.59 5.27
CA PHE A 261 5.26 9.92 6.41
C PHE A 261 6.74 9.82 6.16
N ASP A 262 7.50 9.65 7.24
CA ASP A 262 8.96 9.54 7.12
C ASP A 262 9.38 8.09 6.83
N ILE A 263 10.49 7.92 6.12
CA ILE A 263 11.01 6.59 5.84
C ILE A 263 12.50 6.61 6.14
N LEU A 264 12.86 6.20 7.35
CA LEU A 264 14.25 6.18 7.80
C LEU A 264 15.15 5.24 7.02
N TYR A 265 16.34 5.73 6.72
CA TYR A 265 17.33 4.98 5.98
C TYR A 265 17.71 3.72 6.76
N GLY A 266 17.27 2.58 6.25
CA GLY A 266 17.61 1.33 6.90
C GLY A 266 16.59 0.86 7.91
N LYS A 267 15.74 1.76 8.37
CA LYS A 267 14.75 1.37 9.36
C LYS A 267 13.38 1.25 8.72
N GLY A 268 13.16 2.01 7.64
CA GLY A 268 11.88 1.98 6.97
C GLY A 268 10.91 3.00 7.53
N ILE A 269 9.62 2.78 7.30
CA ILE A 269 8.58 3.68 7.77
C ILE A 269 8.54 3.75 9.31
N SER A 270 8.64 4.94 9.88
CA SER A 270 8.61 5.06 11.34
C SER A 270 7.16 5.04 11.80
N ARG A 271 6.69 3.87 12.19
CA ARG A 271 5.32 3.74 12.66
C ARG A 271 5.15 4.74 13.78
N GLU A 272 6.25 5.01 14.46
CA GLU A 272 6.27 5.96 15.57
C GLU A 272 6.02 7.37 15.05
N GLY A 273 6.78 7.74 14.03
CA GLY A 273 6.68 9.07 13.43
C GLY A 273 5.32 9.36 12.86
N SER A 274 4.61 8.30 12.51
CA SER A 274 3.28 8.44 11.95
C SER A 274 2.32 8.74 13.08
N LEU A 275 2.48 8.02 14.19
CA LEU A 275 1.63 8.17 15.37
C LEU A 275 1.47 9.57 15.98
N ILE A 276 2.58 10.30 16.10
CA ILE A 276 2.58 11.65 16.64
C ILE A 276 1.84 12.57 15.71
N ASP A 277 2.29 12.59 14.45
CA ASP A 277 1.69 13.41 13.41
C ASP A 277 0.19 13.25 13.37
N MET A 278 -0.28 12.01 13.41
CA MET A 278 -1.71 11.78 13.42
C MET A 278 -2.22 12.22 14.79
N GLY A 279 -1.42 11.91 15.81
CA GLY A 279 -1.76 12.26 17.17
C GLY A 279 -2.03 13.74 17.36
N VAL A 280 -1.34 14.59 16.61
CA VAL A 280 -1.56 16.03 16.74
C VAL A 280 -2.67 16.51 15.80
N ASP A 281 -2.77 15.86 14.64
CA ASP A 281 -3.79 16.23 13.67
C ASP A 281 -5.15 15.70 14.06
N GLN A 282 -5.23 15.13 15.26
CA GLN A 282 -6.48 14.55 15.77
C GLN A 282 -6.77 14.87 17.26
N GLY A 283 -6.06 15.87 17.80
CA GLY A 283 -6.25 16.29 19.18
C GLY A 283 -5.79 15.42 20.34
N LEU A 284 -5.34 14.21 20.06
CA LEU A 284 -4.88 13.31 21.11
C LEU A 284 -3.49 13.66 21.65
N ILE A 285 -2.73 14.40 20.86
CA ILE A 285 -1.40 14.84 21.26
C ILE A 285 -1.35 16.34 21.12
N ARG A 286 -0.87 17.04 22.14
CA ARG A 286 -0.78 18.50 22.07
C ARG A 286 0.67 18.90 21.93
N LYS A 287 0.91 19.94 21.15
CA LYS A 287 2.26 20.45 20.93
C LYS A 287 2.32 21.86 21.49
N SER A 288 2.72 21.95 22.76
CA SER A 288 2.82 23.23 23.43
C SER A 288 4.08 23.99 23.02
N GLY A 289 4.33 24.05 21.70
CA GLY A 289 5.52 24.73 21.20
C GLY A 289 6.78 24.02 21.63
N ALA A 290 7.31 23.17 20.74
CA ALA A 290 8.53 22.37 20.97
C ALA A 290 8.20 21.06 21.70
N TRP A 291 7.46 21.16 22.79
CA TRP A 291 7.08 19.99 23.57
C TRP A 291 5.89 19.29 22.93
N PHE A 292 5.83 17.98 23.13
CA PHE A 292 4.74 17.22 22.58
C PHE A 292 4.08 16.52 23.73
N THR A 293 2.83 16.90 24.00
CA THR A 293 2.09 16.30 25.10
C THR A 293 1.04 15.29 24.70
N TYR A 294 0.78 14.38 25.63
CA TYR A 294 -0.21 13.35 25.46
C TYR A 294 -0.81 13.04 26.80
N GLU A 295 -2.13 13.25 26.90
CA GLU A 295 -2.90 13.03 28.12
C GLU A 295 -2.17 13.45 29.41
N GLY A 296 -1.63 14.68 29.38
CA GLY A 296 -0.90 15.23 30.51
C GLY A 296 0.58 14.93 30.48
N GLU A 297 0.92 13.65 30.41
CA GLU A 297 2.31 13.17 30.35
C GLU A 297 3.08 13.85 29.21
N GLN A 298 4.29 14.36 29.49
CA GLN A 298 5.09 15.00 28.45
C GLN A 298 5.81 13.88 27.69
N LEU A 299 5.77 13.94 26.37
CA LEU A 299 6.37 12.91 25.53
C LEU A 299 7.83 13.18 25.24
N GLY A 300 8.08 14.39 24.75
CA GLY A 300 9.44 14.79 24.44
C GLY A 300 9.49 16.12 23.74
N GLN A 301 10.72 16.59 23.49
CA GLN A 301 10.96 17.87 22.83
C GLN A 301 11.61 17.68 21.46
N GLY A 302 10.79 17.75 20.42
CA GLY A 302 11.27 17.56 19.07
C GLY A 302 10.70 16.26 18.54
N LYS A 303 9.98 16.34 17.43
CA LYS A 303 9.35 15.17 16.81
C LYS A 303 10.19 13.91 16.91
N GLU A 304 11.49 14.02 16.66
CA GLU A 304 12.31 12.84 16.72
C GLU A 304 12.54 12.34 18.12
N ASN A 305 12.56 13.25 19.08
CA ASN A 305 12.77 12.89 20.47
C ASN A 305 11.53 12.21 21.00
N ALA A 306 10.40 12.55 20.42
CA ALA A 306 9.14 11.96 20.81
C ALA A 306 9.01 10.62 20.09
N ARG A 307 9.48 10.57 18.85
CA ARG A 307 9.43 9.36 18.08
C ARG A 307 10.21 8.37 18.91
N ASN A 308 11.39 8.80 19.30
CA ASN A 308 12.28 7.99 20.13
C ASN A 308 11.53 7.54 21.37
N PHE A 309 10.92 8.49 22.08
CA PHE A 309 10.19 8.16 23.28
C PHE A 309 9.13 7.09 23.05
N LEU A 310 8.35 7.24 21.99
CA LEU A 310 7.30 6.28 21.72
C LEU A 310 7.82 4.87 21.43
N VAL A 311 8.79 4.77 20.54
CA VAL A 311 9.30 3.46 20.18
C VAL A 311 9.79 2.67 21.38
N GLU A 312 10.49 3.34 22.29
CA GLU A 312 11.00 2.66 23.47
C GLU A 312 9.89 2.44 24.49
N ASN A 313 8.75 3.08 24.29
CA ASN A 313 7.60 2.93 25.19
C ASN A 313 6.38 2.41 24.43
N ALA A 314 6.58 1.29 23.75
CA ALA A 314 5.51 0.68 22.97
C ALA A 314 4.16 0.59 23.70
N ASP A 315 4.16 0.22 24.97
CA ASP A 315 2.91 0.09 25.73
C ASP A 315 2.00 1.29 25.52
N VAL A 316 2.58 2.48 25.60
CA VAL A 316 1.82 3.69 25.40
C VAL A 316 1.69 3.98 23.90
N ALA A 317 2.64 3.48 23.12
CA ALA A 317 2.64 3.72 21.67
C ALA A 317 1.39 3.26 20.93
N ASP A 318 0.97 2.02 21.18
CA ASP A 318 -0.23 1.51 20.51
C ASP A 318 -1.46 2.06 21.21
N GLU A 319 -1.25 2.81 22.29
CA GLU A 319 -2.34 3.41 23.03
C GLU A 319 -2.84 4.51 22.11
N ILE A 320 -1.91 5.34 21.64
CA ILE A 320 -2.29 6.40 20.72
C ILE A 320 -2.87 5.73 19.50
N GLU A 321 -2.11 4.83 18.89
CA GLU A 321 -2.57 4.12 17.71
C GLU A 321 -3.98 3.56 17.97
N LYS A 322 -4.23 3.12 19.21
CA LYS A 322 -5.54 2.57 19.55
C LYS A 322 -6.63 3.64 19.54
N LYS A 323 -6.39 4.73 20.27
CA LYS A 323 -7.35 5.83 20.39
C LYS A 323 -7.70 6.61 19.13
N ILE A 324 -6.87 6.50 18.09
CA ILE A 324 -7.16 7.18 16.82
C ILE A 324 -7.97 6.23 15.93
N LYS A 325 -7.80 4.94 16.20
CA LYS A 325 -8.53 3.90 15.47
C LYS A 325 -9.99 4.04 15.90
N GLU A 326 -10.22 4.06 17.22
CA GLU A 326 -11.56 4.22 17.78
C GLU A 326 -12.27 5.43 17.14
N LYS A 327 -11.55 6.54 17.00
CA LYS A 327 -12.08 7.79 16.43
C LYS A 327 -12.19 7.83 14.89
N LEU A 328 -12.04 6.69 14.22
CA LEU A 328 -12.10 6.65 12.76
C LEU A 328 -12.52 5.34 12.08
N GLY A 329 -11.67 4.32 12.16
CA GLY A 329 -11.91 3.02 11.53
C GLY A 329 -12.27 1.87 12.48
AL ALF B . 12.77 2.39 -5.78
F1 ALF B . 12.64 3.85 -6.75
F2 ALF B . 12.97 0.83 -4.97
F3 ALF B . 13.91 3.13 -4.60
F4 ALF B . 11.62 1.73 -6.94
PB ADP C . 10.94 2.15 -3.47
O1B ADP C . 9.97 1.09 -3.79
O2B ADP C . 10.57 3.16 -2.36
O3B ADP C . 11.35 2.92 -4.69
PA ADP C . 12.97 1.22 -1.68
O1A ADP C . 11.96 0.29 -1.07
O2A ADP C . 14.30 0.70 -2.06
O3A ADP C . 12.28 1.54 -3.08
O5' ADP C . 12.90 2.68 -1.14
C5' ADP C . 13.86 3.68 -1.55
C4' ADP C . 14.34 4.40 -0.34
O4' ADP C . 14.23 3.39 0.76
C3' ADP C . 15.81 4.78 -0.32
O3' ADP C . 15.96 6.16 -0.77
C2' ADP C . 16.15 4.74 1.21
O2' ADP C . 15.60 5.90 1.91
C1' ADP C . 15.30 3.53 1.66
N9 ADP C . 16.08 2.22 1.65
C8 ADP C . 15.85 1.17 0.87
N7 ADP C . 16.69 0.23 1.08
C5 ADP C . 17.54 0.71 2.07
C6 ADP C . 18.69 0.18 2.76
N6 ADP C . 19.20 -1.07 2.51
N1 ADP C . 19.28 0.95 3.68
C2 ADP C . 18.79 2.16 3.91
N3 ADP C . 17.74 2.73 3.32
C4 ADP C . 17.16 1.95 2.41
#